data_4FEP
#
_entry.id   4FEP
#
_cell.length_a   133.071
_cell.length_b   35.252
_cell.length_c   41.855
_cell.angle_alpha   90.00
_cell.angle_beta   91.40
_cell.angle_gamma   90.00
#
_symmetry.space_group_name_H-M   'C 1 2 1'
#
loop_
_entity.id
_entity.type
_entity.pdbx_description
1 polymer 'A24U/U25A/A46G/C74U mutant of the B. subtilis xpt-pbuX guanine riboswitch aptamer domain'
2 non-polymer 9H-PURINE-2,6-DIAMINE
3 non-polymer 'COBALT HEXAMMINE(III)'
4 water water
#
_entity_poly.entity_id   1
_entity_poly.type   'polyribonucleotide'
_entity_poly.pdbx_seq_one_letter_code
;GGACAUAUAUACGCGUGGAUAUGGCACGCGAGUUUCUACCGGGCACCGUAAAUGUCCGAUUAUGUCC
;
_entity_poly.pdbx_strand_id   B
#
loop_
_chem_comp.id
_chem_comp.type
_chem_comp.name
_chem_comp.formula
6AP non-polymer 9H-PURINE-2,6-DIAMINE 'C5 H6 N6'
A RNA linking ADENOSINE-5'-MONOPHOSPHATE 'C10 H14 N5 O7 P'
C RNA linking CYTIDINE-5'-MONOPHOSPHATE 'C9 H14 N3 O8 P'
G RNA linking GUANOSINE-5'-MONOPHOSPHATE 'C10 H14 N5 O8 P'
NCO non-polymer 'COBALT HEXAMMINE(III)' 'Co H18 N6 3'
U RNA linking URIDINE-5'-MONOPHOSPHATE 'C9 H13 N2 O9 P'
#
# COMPACT_ATOMS: atom_id res chain seq x y z
N9 6AP B . -1.46 -11.83 -5.60
C8 6AP B . -0.43 -11.58 -6.47
N7 6AP B . 0.67 -11.36 -5.82
C5 6AP B . 0.43 -11.44 -4.49
C4 6AP B . -0.94 -11.75 -4.33
N3 6AP B . -1.46 -11.90 -3.09
C2 6AP B . -0.68 -11.76 -2.00
N2 6AP B . -1.25 -11.91 -0.74
N1 6AP B . 0.62 -11.46 -2.11
C6 6AP B . 1.22 -11.30 -3.31
N6 6AP B . 2.56 -11.01 -3.38
CO NCO C . -1.53 12.43 -6.31
N1 NCO C . -1.81 14.10 -5.33
N2 NCO C . -1.25 10.76 -7.30
N3 NCO C . 0.20 13.10 -6.96
N4 NCO C . -3.27 11.77 -5.67
N5 NCO C . -0.65 11.64 -4.74
N6 NCO C . -2.41 13.21 -7.89
CO NCO D . -0.94 5.45 13.45
N1 NCO D . 0.82 6.13 12.88
N2 NCO D . -2.69 4.78 14.01
N3 NCO D . -0.58 3.76 12.54
N4 NCO D . -1.29 7.16 14.37
N5 NCO D . -0.14 4.73 15.10
N6 NCO D . -1.74 6.18 11.80
CO NCO E . 3.65 5.21 5.16
N1 NCO E . 5.56 5.66 5.27
N2 NCO E . 1.73 4.77 5.06
N3 NCO E . 4.05 3.35 5.63
N4 NCO E . 3.24 7.08 4.70
N5 NCO E . 3.44 5.65 7.08
N6 NCO E . 3.85 4.79 3.26
CO NCO F . -9.08 14.66 0.11
N1 NCO F . -7.55 15.84 0.42
N2 NCO F . -10.62 13.48 -0.20
N3 NCO F . -8.49 14.39 -1.75
N4 NCO F . -9.67 14.94 1.98
N5 NCO F . -8.01 13.12 0.68
N6 NCO F . -10.16 16.20 -0.45
CO NCO G . 6.48 11.40 12.54
N1 NCO G . 8.41 11.71 12.68
N2 NCO G . 4.55 11.08 12.41
N3 NCO G . 6.69 10.87 10.66
N4 NCO G . 6.27 11.93 14.42
N5 NCO G . 6.74 9.54 13.11
N6 NCO G . 6.22 13.26 11.98
CO NCO H . -8.84 -1.21 4.07
N1 NCO H . -10.26 -2.54 4.34
N2 NCO H . -7.42 0.13 3.80
N3 NCO H . -7.50 -2.65 4.00
N4 NCO H . -10.18 0.23 4.14
N5 NCO H . -9.08 -1.34 2.12
N6 NCO H . -8.59 -1.08 6.02
CO NCO I . -10.38 -8.66 -8.13
N1 NCO I . -9.16 -8.78 -6.60
N2 NCO I . -11.62 -8.54 -9.66
N3 NCO I . -10.82 -10.57 -7.93
N4 NCO I . -9.95 -6.76 -8.34
N5 NCO I . -11.85 -8.19 -6.92
N6 NCO I . -8.91 -9.13 -9.35
CO NCO J . 6.31 -9.95 -15.78
N1 NCO J . 7.79 -8.69 -16.03
N2 NCO J . 4.82 -11.22 -15.53
N3 NCO J . 7.59 -11.44 -15.67
N4 NCO J . 5.03 -8.47 -15.88
N5 NCO J . 6.43 -9.71 -13.83
N6 NCO J . 6.20 -10.20 -17.72
CO NCO K . 14.44 -11.15 0.80
N1 NCO K . 15.88 -12.42 0.37
N2 NCO K . 13.01 -9.87 1.22
N3 NCO K . 13.11 -12.44 0.16
N4 NCO K . 15.78 -9.85 1.43
N5 NCO K . 14.32 -11.90 2.60
N6 NCO K . 14.57 -10.40 -1.02
#